data_4XTP
#
_entry.id   4XTP
#
_cell.length_a   56.093
_cell.length_b   86.024
_cell.length_c   128.877
_cell.angle_alpha   90.000
_cell.angle_beta   90.000
_cell.angle_gamma   90.000
#
_symmetry.space_group_name_H-M   'I 2 2 2'
#
loop_
_entity.id
_entity.type
_entity.pdbx_description
1 polymer 'Seed lectin'
2 non-polymer 'CALCIUM ION'
3 non-polymer 'MANGANESE (II) ION'
4 non-polymer 'CITRIC ACID'
5 non-polymer 'SULFATE ION'
6 non-polymer SERINE
7 non-polymer 2-acetamido-2-deoxy-alpha-D-galactopyranose
8 water water
#
_entity_poly.entity_id   1
_entity_poly.type   'polypeptide(L)'
_entity_poly.pdbx_seq_one_letter_code
;MASEVVSFSFTKFNPNPKDIILQGDALVTSKGKLQLTKVKDGKPVDHSLGRALYAAPIHIWDDSTDRVASFATSFSFVVE
APDESKTADGIAFFLAPPDTQPQKDGGFLGLFNDSNKSIQTVAVEFDTFSNTWDPSARHIGINVNSIESMKYVKWGWENG
KVANVYISYEASTKTLTASLTYPSNATSYIVSANVDLKSALPEWVRVGFSATSGLSRDHVETHDVLDWSFTSTLQAPSDD
SNLEHHHHHH
;
_entity_poly.pdbx_strand_id   A
#
loop_
_chem_comp.id
_chem_comp.type
_chem_comp.name
_chem_comp.formula
A2G D-saccharide, alpha linking 2-acetamido-2-deoxy-alpha-D-galactopyranose 'C8 H15 N O6'
CA non-polymer 'CALCIUM ION' 'Ca 2'
CIT non-polymer 'CITRIC ACID' 'C6 H8 O7'
MN non-polymer 'MANGANESE (II) ION' 'Mn 2'
SO4 non-polymer 'SULFATE ION' 'O4 S -2'
#
# COMPACT_ATOMS: atom_id res chain seq x y z
N SER A 3 -14.98 -17.62 -1.47
CA SER A 3 -13.73 -18.29 -1.88
C SER A 3 -12.98 -18.75 -0.63
N GLU A 4 -12.21 -19.84 -0.70
CA GLU A 4 -11.52 -20.30 0.51
CA GLU A 4 -11.48 -20.30 0.47
C GLU A 4 -10.04 -19.94 0.52
N VAL A 5 -9.35 -20.16 -0.60
CA VAL A 5 -7.90 -19.84 -0.75
C VAL A 5 -7.55 -19.20 -2.09
N VAL A 6 -6.96 -18.02 -2.04
CA VAL A 6 -6.49 -17.29 -3.22
C VAL A 6 -5.03 -16.90 -2.98
N SER A 7 -4.18 -17.12 -3.97
CA SER A 7 -2.76 -16.82 -3.87
C SER A 7 -2.29 -16.30 -5.20
N PHE A 8 -1.22 -15.53 -5.18
CA PHE A 8 -0.56 -15.12 -6.40
C PHE A 8 0.80 -14.53 -6.05
N SER A 9 1.75 -14.78 -6.92
CA SER A 9 3.11 -14.35 -6.69
C SER A 9 3.75 -13.86 -7.98
N PHE A 10 4.21 -12.60 -7.98
CA PHE A 10 4.99 -12.03 -9.08
C PHE A 10 6.41 -11.81 -8.62
N THR A 11 7.40 -12.37 -9.31
CA THR A 11 8.79 -12.04 -8.95
C THR A 11 9.18 -10.73 -9.63
N LYS A 12 8.45 -10.38 -10.67
CA LYS A 12 8.47 -9.03 -11.21
C LYS A 12 7.19 -8.90 -12.01
N PHE A 13 6.89 -7.73 -12.49
CA PHE A 13 5.62 -7.48 -13.13
C PHE A 13 5.72 -7.49 -14.64
N ASN A 14 4.63 -7.87 -15.29
CA ASN A 14 4.60 -7.91 -16.76
C ASN A 14 4.27 -6.54 -17.33
N PRO A 15 4.98 -6.14 -18.40
CA PRO A 15 4.78 -4.80 -18.94
C PRO A 15 3.34 -4.43 -19.29
N ASN A 16 2.50 -5.38 -19.66
CA ASN A 16 1.11 -5.05 -19.97
C ASN A 16 0.29 -6.01 -19.17
N PRO A 17 0.19 -5.75 -17.86
CA PRO A 17 -0.35 -6.73 -16.92
C PRO A 17 -1.86 -6.83 -17.05
N LYS A 18 -2.38 -8.04 -17.08
N LYS A 18 -2.44 -8.02 -17.13
CA LYS A 18 -3.84 -8.24 -17.14
CA LYS A 18 -3.92 -8.15 -17.13
C LYS A 18 -4.40 -8.67 -15.81
C LYS A 18 -4.43 -8.64 -15.78
N ASP A 19 -3.51 -9.12 -14.94
CA ASP A 19 -3.76 -9.55 -13.57
C ASP A 19 -3.79 -8.36 -12.62
N ILE A 20 -3.38 -7.20 -13.15
CA ILE A 20 -3.17 -6.04 -12.33
C ILE A 20 -3.87 -4.88 -12.98
N ILE A 21 -4.78 -4.27 -12.22
CA ILE A 21 -5.54 -3.17 -12.66
C ILE A 21 -4.74 -1.93 -12.26
N LEU A 22 -4.29 -1.18 -13.25
CA LEU A 22 -3.47 -0.03 -13.02
C LEU A 22 -4.34 1.21 -13.06
N GLN A 23 -4.25 2.03 -12.05
CA GLN A 23 -5.07 3.25 -11.98
C GLN A 23 -4.19 4.50 -11.93
N GLY A 24 -4.73 5.63 -12.35
CA GLY A 24 -3.99 6.88 -12.39
C GLY A 24 -2.71 6.77 -13.22
N ASP A 25 -1.56 7.15 -12.67
CA ASP A 25 -0.29 7.14 -13.46
C ASP A 25 0.49 5.82 -13.46
N ALA A 26 -0.05 4.80 -12.78
CA ALA A 26 0.67 3.57 -12.60
C ALA A 26 0.94 2.88 -13.91
N LEU A 27 2.12 2.33 -14.03
CA LEU A 27 2.51 1.57 -15.20
C LEU A 27 3.54 0.56 -14.79
N VAL A 28 3.69 -0.46 -15.63
CA VAL A 28 4.79 -1.35 -15.48
C VAL A 28 5.88 -1.01 -16.49
N THR A 29 7.10 -0.82 -16.01
CA THR A 29 8.22 -0.51 -16.89
C THR A 29 8.62 -1.73 -17.65
N SER A 30 9.41 -1.55 -18.69
CA SER A 30 9.74 -2.70 -19.55
C SER A 30 10.65 -3.70 -18.82
N LYS A 31 11.37 -3.25 -17.80
CA LYS A 31 12.10 -4.17 -16.96
C LYS A 31 11.26 -4.84 -15.88
N GLY A 32 9.98 -4.50 -15.81
CA GLY A 32 9.07 -5.18 -14.91
C GLY A 32 8.93 -4.59 -13.50
N LYS A 33 9.24 -3.32 -13.33
CA LYS A 33 8.94 -2.62 -12.08
C LYS A 33 7.56 -1.98 -12.17
N LEU A 34 6.82 -2.06 -11.07
CA LEU A 34 5.53 -1.38 -10.99
C LEU A 34 5.77 0.04 -10.51
N GLN A 35 5.77 0.97 -11.46
CA GLN A 35 6.09 2.36 -11.19
C GLN A 35 4.77 3.09 -10.94
N LEU A 36 4.44 3.29 -9.67
CA LEU A 36 3.15 3.85 -9.34
C LEU A 36 3.03 5.33 -9.71
N THR A 37 4.11 6.08 -9.50
CA THR A 37 4.10 7.48 -9.81
C THR A 37 5.10 7.83 -10.91
N LYS A 38 4.79 8.93 -11.59
CA LYS A 38 5.39 9.30 -12.85
C LYS A 38 6.87 9.60 -12.72
N VAL A 39 7.58 9.19 -13.75
CA VAL A 39 9.00 9.43 -13.89
C VAL A 39 9.22 9.97 -15.28
N LYS A 40 9.96 11.07 -15.40
CA LYS A 40 10.19 11.70 -16.69
C LYS A 40 11.67 11.90 -16.86
N ASP A 41 12.23 11.38 -17.94
CA ASP A 41 13.69 11.40 -18.12
C ASP A 41 14.38 10.84 -16.88
N GLY A 42 13.83 9.75 -16.34
CA GLY A 42 14.41 9.09 -15.15
C GLY A 42 14.22 9.82 -13.83
N LYS A 43 13.42 10.87 -13.81
CA LYS A 43 13.31 11.71 -12.63
C LYS A 43 11.86 11.74 -12.21
N PRO A 44 11.61 11.62 -10.91
CA PRO A 44 10.25 11.66 -10.40
C PRO A 44 9.56 13.01 -10.65
N VAL A 45 8.27 12.99 -10.92
CA VAL A 45 7.49 14.19 -11.25
C VAL A 45 6.49 14.40 -10.09
N ASP A 46 6.08 15.64 -9.84
CA ASP A 46 5.16 15.95 -8.77
C ASP A 46 3.74 15.76 -9.20
N HIS A 47 2.83 15.95 -8.27
CA HIS A 47 1.40 15.85 -8.54
C HIS A 47 1.06 14.56 -9.22
N SER A 48 1.70 13.45 -8.82
CA SER A 48 1.38 12.15 -9.42
C SER A 48 0.64 11.25 -8.44
N LEU A 49 -0.17 10.36 -8.97
CA LEU A 49 -1.01 9.46 -8.15
C LEU A 49 -1.16 8.19 -8.95
N GLY A 50 -0.78 7.05 -8.40
CA GLY A 50 -0.92 5.82 -9.12
C GLY A 50 -1.30 4.72 -8.18
N ARG A 51 -2.10 3.80 -8.68
CA ARG A 51 -2.56 2.67 -7.88
C ARG A 51 -2.58 1.41 -8.74
N ALA A 52 -2.42 0.27 -8.07
CA ALA A 52 -2.44 -1.03 -8.74
C ALA A 52 -3.18 -2.01 -7.85
N LEU A 53 -4.12 -2.75 -8.42
CA LEU A 53 -4.91 -3.73 -7.68
C LEU A 53 -4.85 -5.10 -8.36
N TYR A 54 -4.98 -6.14 -7.57
CA TYR A 54 -5.01 -7.48 -8.17
C TYR A 54 -6.41 -7.66 -8.77
N ALA A 55 -6.46 -8.32 -9.92
CA ALA A 55 -7.71 -8.48 -10.64
C ALA A 55 -8.82 -9.18 -9.82
N ALA A 56 -8.50 -10.27 -9.13
CA ALA A 56 -9.53 -11.01 -8.45
C ALA A 56 -9.85 -10.38 -7.09
N PRO A 57 -11.16 -10.11 -6.81
CA PRO A 57 -11.53 -9.72 -5.49
C PRO A 57 -11.16 -10.79 -4.49
N ILE A 58 -10.93 -10.37 -3.25
CA ILE A 58 -10.56 -11.25 -2.20
C ILE A 58 -11.68 -11.27 -1.22
N HIS A 59 -12.02 -12.47 -0.76
CA HIS A 59 -13.13 -12.64 0.14
C HIS A 59 -12.61 -12.54 1.54
N ILE A 60 -12.71 -11.36 2.16
CA ILE A 60 -12.12 -11.20 3.48
C ILE A 60 -13.04 -11.51 4.65
N TRP A 61 -14.35 -11.48 4.45
CA TRP A 61 -15.27 -11.96 5.46
C TRP A 61 -16.60 -12.29 4.84
N ASP A 62 -17.40 -13.01 5.59
CA ASP A 62 -18.64 -13.56 5.07
C ASP A 62 -19.77 -13.34 6.09
N ASP A 63 -20.79 -12.62 5.68
CA ASP A 63 -21.88 -12.37 6.60
C ASP A 63 -22.62 -13.64 7.04
N SER A 64 -22.87 -14.59 6.14
CA SER A 64 -23.54 -15.84 6.52
C SER A 64 -22.77 -16.64 7.59
N THR A 65 -21.49 -16.89 7.35
CA THR A 65 -20.74 -17.77 8.23
C THR A 65 -20.05 -17.02 9.36
N ASP A 66 -20.11 -15.69 9.30
CA ASP A 66 -19.51 -14.90 10.33
C ASP A 66 -17.95 -15.04 10.42
N ARG A 67 -17.35 -15.59 9.36
CA ARG A 67 -15.91 -15.86 9.34
C ARG A 67 -15.12 -14.72 8.71
N VAL A 68 -13.88 -14.57 9.18
CA VAL A 68 -12.98 -13.59 8.67
C VAL A 68 -11.76 -14.27 8.05
N ALA A 69 -11.25 -13.72 6.94
CA ALA A 69 -10.06 -14.27 6.30
C ALA A 69 -8.81 -13.88 7.05
N SER A 70 -7.80 -14.73 6.91
CA SER A 70 -6.43 -14.39 7.28
C SER A 70 -5.70 -14.16 5.96
N PHE A 71 -4.68 -13.32 5.98
CA PHE A 71 -3.88 -13.12 4.79
C PHE A 71 -2.46 -12.68 5.12
N ALA A 72 -1.58 -12.93 4.18
CA ALA A 72 -0.18 -12.56 4.28
C ALA A 72 0.31 -12.13 2.91
N THR A 73 1.15 -11.11 2.89
CA THR A 73 1.66 -10.60 1.66
C THR A 73 3.05 -10.08 1.86
N SER A 74 3.87 -10.25 0.83
CA SER A 74 5.22 -9.77 0.78
CA SER A 74 5.25 -9.75 0.76
C SER A 74 5.41 -8.91 -0.47
N PHE A 75 6.09 -7.79 -0.31
CA PHE A 75 6.46 -7.03 -1.47
C PHE A 75 7.71 -6.21 -1.17
N SER A 76 8.50 -5.97 -2.21
CA SER A 76 9.64 -5.13 -2.10
C SER A 76 9.38 -3.84 -2.86
N PHE A 77 9.89 -2.75 -2.33
CA PHE A 77 9.61 -1.46 -2.96
C PHE A 77 10.76 -0.50 -2.76
N VAL A 78 10.89 0.46 -3.67
CA VAL A 78 11.92 1.47 -3.61
C VAL A 78 11.21 2.83 -3.62
N VAL A 79 11.66 3.70 -2.74
CA VAL A 79 11.33 5.12 -2.83
C VAL A 79 12.61 5.95 -2.88
N GLU A 80 12.84 6.54 -4.06
CA GLU A 80 14.02 7.29 -4.35
C GLU A 80 13.66 8.78 -4.62
N ALA A 81 14.36 9.67 -3.92
CA ALA A 81 14.12 11.10 -3.98
C ALA A 81 15.41 11.76 -4.37
N PRO A 82 15.34 12.77 -5.26
CA PRO A 82 16.58 13.44 -5.62
C PRO A 82 17.20 14.19 -4.47
N ASP A 83 16.41 14.53 -3.45
CA ASP A 83 16.93 15.19 -2.23
C ASP A 83 16.45 14.43 -1.00
N GLU A 84 17.40 13.99 -0.17
CA GLU A 84 17.07 13.23 1.06
C GLU A 84 16.11 13.90 2.00
N SER A 85 16.13 15.23 2.07
CA SER A 85 15.35 15.91 3.11
C SER A 85 13.97 16.42 2.68
N LYS A 86 13.73 16.42 1.38
CA LYS A 86 12.45 16.87 0.83
C LYS A 86 11.79 15.73 0.10
N THR A 87 10.75 15.18 0.69
CA THR A 87 10.15 13.95 0.21
C THR A 87 8.66 14.00 0.39
N ALA A 88 7.94 13.40 -0.53
CA ALA A 88 6.50 13.31 -0.43
C ALA A 88 6.03 12.42 -1.55
N ASP A 89 4.91 11.71 -1.37
CA ASP A 89 4.15 11.65 -0.14
C ASP A 89 4.19 10.24 0.44
N GLY A 90 4.29 9.21 -0.41
CA GLY A 90 4.42 7.89 0.12
C GLY A 90 3.75 6.84 -0.72
N ILE A 91 3.71 5.62 -0.16
CA ILE A 91 3.24 4.44 -0.81
C ILE A 91 2.53 3.60 0.21
N ALA A 92 1.51 2.86 -0.24
CA ALA A 92 0.75 2.07 0.71
C ALA A 92 0.29 0.76 0.09
N PHE A 93 0.16 -0.26 0.93
CA PHE A 93 -0.59 -1.43 0.57
C PHE A 93 -1.97 -1.26 1.19
N PHE A 94 -3.00 -1.59 0.42
CA PHE A 94 -4.35 -1.40 0.88
C PHE A 94 -5.36 -2.42 0.42
N LEU A 95 -6.47 -2.41 1.14
CA LEU A 95 -7.67 -3.13 0.81
C LEU A 95 -8.81 -2.15 0.71
N ALA A 96 -9.65 -2.31 -0.32
CA ALA A 96 -10.82 -1.43 -0.49
C ALA A 96 -11.88 -2.19 -1.25
N PRO A 97 -13.11 -1.65 -1.30
CA PRO A 97 -14.18 -2.31 -2.05
C PRO A 97 -13.69 -2.60 -3.47
N PRO A 98 -14.24 -3.61 -4.12
CA PRO A 98 -13.62 -3.95 -5.43
C PRO A 98 -13.66 -2.84 -6.49
N ASP A 99 -14.66 -1.97 -6.44
CA ASP A 99 -14.80 -0.89 -7.43
C ASP A 99 -14.01 0.39 -7.06
N THR A 100 -13.18 0.28 -6.03
CA THR A 100 -12.35 1.39 -5.52
C THR A 100 -11.65 2.14 -6.65
N GLN A 101 -11.70 3.45 -6.57
CA GLN A 101 -11.08 4.32 -7.50
C GLN A 101 -10.14 5.25 -6.76
N PRO A 102 -9.18 5.85 -7.48
CA PRO A 102 -8.24 6.79 -6.87
C PRO A 102 -8.95 7.91 -6.15
N GLN A 103 -8.52 8.22 -4.93
CA GLN A 103 -9.08 9.30 -4.15
C GLN A 103 -8.06 10.42 -4.21
N LYS A 104 -8.08 11.34 -3.26
CA LYS A 104 -7.18 12.46 -3.30
C LYS A 104 -5.69 12.19 -3.45
N ASP A 105 -5.01 13.11 -4.12
CA ASP A 105 -3.58 13.01 -4.35
C ASP A 105 -2.83 13.64 -3.18
N GLY A 106 -1.51 13.73 -3.32
CA GLY A 106 -0.70 14.37 -2.30
C GLY A 106 -0.67 13.53 -1.03
N GLY A 107 -0.85 14.20 0.11
CA GLY A 107 -0.82 13.54 1.40
C GLY A 107 -1.94 12.54 1.65
N PHE A 108 -2.95 12.53 0.81
CA PHE A 108 -4.03 11.56 0.92
C PHE A 108 -3.70 10.22 0.29
N LEU A 109 -2.58 10.19 -0.40
CA LEU A 109 -1.94 8.97 -0.88
C LEU A 109 -2.75 8.21 -1.92
N GLY A 110 -3.70 8.88 -2.56
CA GLY A 110 -4.63 8.27 -3.48
C GLY A 110 -5.64 7.36 -2.80
N LEU A 111 -5.64 7.34 -1.46
CA LEU A 111 -6.44 6.43 -0.69
C LEU A 111 -7.66 7.09 -0.04
N PHE A 112 -7.46 8.24 0.56
CA PHE A 112 -8.52 8.89 1.32
C PHE A 112 -8.82 10.26 0.78
N ASN A 113 -9.85 10.91 1.32
CA ASN A 113 -10.20 12.25 0.86
C ASN A 113 -10.64 13.09 2.06
N ASP A 114 -11.02 14.34 1.85
CA ASP A 114 -11.46 15.11 3.02
C ASP A 114 -12.90 15.44 2.84
N SER A 115 -13.72 14.41 2.72
CA SER A 115 -15.03 14.59 2.09
C SER A 115 -16.07 14.59 3.14
N ASN A 116 -15.68 14.17 4.33
CA ASN A 116 -16.65 13.96 5.38
C ASN A 116 -17.62 12.85 5.06
N LYS A 117 -17.18 11.92 4.24
CA LYS A 117 -17.89 10.69 3.98
C LYS A 117 -16.79 9.64 4.17
N SER A 118 -16.72 9.09 5.39
CA SER A 118 -15.69 8.12 5.76
C SER A 118 -15.65 6.96 4.76
N ILE A 119 -14.55 6.88 4.02
CA ILE A 119 -14.38 5.86 2.99
C ILE A 119 -13.84 4.56 3.57
N GLN A 120 -14.23 3.45 2.97
CA GLN A 120 -13.80 2.15 3.39
C GLN A 120 -12.45 1.81 2.70
N THR A 121 -11.38 1.82 3.46
CA THR A 121 -10.06 1.44 2.95
C THR A 121 -9.23 1.19 4.18
N VAL A 122 -8.50 0.10 4.19
CA VAL A 122 -7.64 -0.21 5.27
C VAL A 122 -6.23 -0.27 4.64
N ALA A 123 -5.32 0.58 5.11
CA ALA A 123 -4.03 0.65 4.49
C ALA A 123 -2.83 0.48 5.48
N VAL A 124 -1.71 0.01 4.96
CA VAL A 124 -0.45 0.03 5.63
C VAL A 124 0.42 1.01 4.83
N GLU A 125 0.56 2.23 5.33
CA GLU A 125 1.24 3.28 4.60
C GLU A 125 2.69 3.38 5.00
N PHE A 126 3.51 3.75 4.02
CA PHE A 126 4.89 4.15 4.21
C PHE A 126 4.97 5.61 3.79
N ASP A 127 4.84 6.44 4.81
CA ASP A 127 4.59 7.85 4.71
C ASP A 127 5.90 8.60 4.80
N THR A 128 6.12 9.43 3.79
CA THR A 128 7.37 10.11 3.67
C THR A 128 7.23 11.64 3.92
N PHE A 129 6.00 12.12 4.20
CA PHE A 129 5.80 13.54 4.45
C PHE A 129 4.84 13.79 5.59
N SER A 130 5.27 14.63 6.53
CA SER A 130 4.46 14.91 7.71
C SER A 130 3.41 15.99 7.40
N ASN A 131 2.20 15.55 7.14
CA ASN A 131 1.02 16.38 7.04
C ASN A 131 0.39 16.69 8.41
N THR A 132 -0.70 17.47 8.39
CA THR A 132 -1.42 17.86 9.63
C THR A 132 -1.86 16.69 10.52
N TRP A 133 -2.21 15.59 9.89
CA TRP A 133 -2.73 14.43 10.60
C TRP A 133 -1.65 13.41 10.97
N ASP A 134 -0.39 13.67 10.61
CA ASP A 134 0.72 12.74 10.81
C ASP A 134 1.50 13.03 12.09
N PRO A 135 2.24 12.04 12.59
CA PRO A 135 3.29 12.36 13.55
C PRO A 135 4.40 13.11 12.81
N SER A 136 5.42 13.51 13.53
CA SER A 136 6.48 14.36 12.96
C SER A 136 7.39 13.62 11.92
N ALA A 137 7.78 12.40 12.25
CA ALA A 137 8.77 11.71 11.50
C ALA A 137 8.08 10.83 10.43
N ARG A 138 8.81 10.51 9.39
CA ARG A 138 8.36 9.49 8.45
C ARG A 138 8.00 8.24 9.23
N HIS A 139 7.01 7.53 8.74
CA HIS A 139 6.37 6.48 9.54
C HIS A 139 5.75 5.40 8.70
N ILE A 140 5.63 4.20 9.30
CA ILE A 140 4.84 3.14 8.76
C ILE A 140 3.57 3.15 9.59
N GLY A 141 2.42 3.28 8.95
CA GLY A 141 1.16 3.49 9.66
C GLY A 141 0.16 2.46 9.23
N ILE A 142 -0.69 2.08 10.17
CA ILE A 142 -1.87 1.28 9.92
C ILE A 142 -3.07 2.21 10.04
N ASN A 143 -3.84 2.22 8.98
CA ASN A 143 -4.87 3.18 8.75
C ASN A 143 -6.18 2.51 8.48
N VAL A 144 -7.17 2.84 9.29
CA VAL A 144 -8.45 2.19 9.17
C VAL A 144 -9.50 3.22 8.86
N ASN A 145 -9.82 3.36 7.58
CA ASN A 145 -10.85 4.28 7.08
C ASN A 145 -10.56 5.72 7.38
N SER A 146 -9.28 6.06 7.46
CA SER A 146 -8.81 7.40 7.71
C SER A 146 -7.36 7.57 7.26
N ILE A 147 -7.00 8.77 6.82
CA ILE A 147 -5.62 9.14 6.48
C ILE A 147 -4.80 9.30 7.74
N GLU A 148 -5.51 9.40 8.86
CA GLU A 148 -4.88 9.40 10.15
C GLU A 148 -4.62 7.97 10.64
N SER A 149 -3.38 7.62 10.90
CA SER A 149 -3.08 6.27 11.36
C SER A 149 -3.56 6.03 12.79
N MET A 150 -4.11 4.84 13.01
CA MET A 150 -4.43 4.43 14.38
C MET A 150 -3.19 3.98 15.13
N LYS A 151 -2.21 3.46 14.42
CA LYS A 151 -0.93 3.10 15.01
C LYS A 151 0.12 3.38 13.99
N TYR A 152 1.31 3.72 14.45
CA TYR A 152 2.43 3.95 13.55
C TYR A 152 3.75 3.65 14.26
N VAL A 153 4.78 3.35 13.48
CA VAL A 153 6.09 3.29 13.97
C VAL A 153 6.91 4.23 13.12
N LYS A 154 7.84 4.88 13.80
CA LYS A 154 8.74 5.75 13.12
C LYS A 154 9.59 4.90 12.14
N TRP A 155 9.83 5.45 10.97
CA TRP A 155 10.43 4.68 9.88
C TRP A 155 11.64 5.40 9.30
N GLY A 156 12.81 4.75 9.39
CA GLY A 156 14.06 5.31 8.90
C GLY A 156 14.14 5.00 7.43
N TRP A 157 13.42 5.77 6.63
CA TRP A 157 13.43 5.59 5.21
C TRP A 157 14.85 5.67 4.64
N GLU A 158 15.22 4.70 3.80
CA GLU A 158 16.49 4.74 3.14
C GLU A 158 16.33 5.01 1.68
N ASN A 159 16.82 6.19 1.28
CA ASN A 159 16.68 6.69 -0.07
C ASN A 159 17.16 5.71 -1.13
N GLY A 160 16.28 5.26 -2.02
CA GLY A 160 16.75 4.43 -3.12
C GLY A 160 17.09 2.98 -2.76
N LYS A 161 16.97 2.58 -1.49
CA LYS A 161 17.23 1.20 -1.08
C LYS A 161 15.98 0.34 -1.18
N VAL A 162 16.17 -0.91 -1.51
CA VAL A 162 15.12 -1.89 -1.53
C VAL A 162 14.60 -2.12 -0.13
N ALA A 163 13.28 -2.01 0.00
CA ALA A 163 12.62 -2.29 1.23
C ALA A 163 11.80 -3.58 1.03
N ASN A 164 11.98 -4.56 1.92
CA ASN A 164 11.17 -5.76 1.93
C ASN A 164 10.10 -5.64 3.01
N VAL A 165 8.85 -5.79 2.64
CA VAL A 165 7.72 -5.68 3.55
C VAL A 165 7.04 -7.02 3.66
N TYR A 166 6.61 -7.33 4.87
CA TYR A 166 5.78 -8.50 5.11
C TYR A 166 4.60 -8.05 5.97
N ILE A 167 3.41 -8.18 5.41
CA ILE A 167 2.19 -7.85 6.13
C ILE A 167 1.37 -9.13 6.32
N SER A 168 0.94 -9.35 7.56
CA SER A 168 -0.04 -10.42 7.81
C SER A 168 -1.23 -9.97 8.67
N TYR A 169 -2.35 -10.65 8.47
CA TYR A 169 -3.54 -10.48 9.24
C TYR A 169 -3.95 -11.84 9.76
N GLU A 170 -4.02 -11.92 11.09
CA GLU A 170 -4.47 -13.12 11.77
C GLU A 170 -5.92 -12.87 12.16
N ALA A 171 -6.84 -13.55 11.48
CA ALA A 171 -8.28 -13.37 11.73
C ALA A 171 -8.70 -13.73 13.15
N SER A 172 -8.12 -14.78 13.72
CA SER A 172 -8.53 -15.26 15.07
C SER A 172 -8.21 -14.28 16.18
N THR A 173 -7.27 -13.36 15.95
CA THR A 173 -6.99 -12.33 16.94
C THR A 173 -7.20 -10.93 16.43
N LYS A 174 -7.63 -10.78 15.20
CA LYS A 174 -7.77 -9.47 14.56
C LYS A 174 -6.48 -8.66 14.56
N THR A 175 -5.37 -9.32 14.34
CA THR A 175 -4.07 -8.61 14.42
C THR A 175 -3.50 -8.43 13.04
N LEU A 176 -3.33 -7.17 12.69
CA LEU A 176 -2.67 -6.78 11.43
C LEU A 176 -1.26 -6.36 11.77
N THR A 177 -0.26 -6.98 11.13
CA THR A 177 1.15 -6.70 11.47
C THR A 177 1.87 -6.34 10.21
N ALA A 178 2.66 -5.27 10.25
CA ALA A 178 3.40 -4.84 9.06
C ALA A 178 4.85 -4.66 9.43
N SER A 179 5.73 -5.27 8.67
CA SER A 179 7.16 -5.04 8.89
C SER A 179 7.89 -4.62 7.62
N LEU A 180 8.98 -3.88 7.78
CA LEU A 180 9.80 -3.47 6.67
C LEU A 180 11.26 -3.74 7.05
N THR A 181 12.03 -4.30 6.10
CA THR A 181 13.42 -4.55 6.31
C THR A 181 14.21 -4.06 5.08
N TYR A 182 15.30 -3.38 5.35
CA TYR A 182 16.22 -2.95 4.32
C TYR A 182 17.38 -3.94 4.34
N PRO A 183 17.36 -4.92 3.45
CA PRO A 183 18.48 -5.88 3.40
C PRO A 183 19.83 -5.18 3.27
N SER A 184 19.88 -4.01 2.67
CA SER A 184 21.16 -3.38 2.44
C SER A 184 21.92 -3.21 3.72
N ASN A 185 21.26 -2.75 4.79
CA ASN A 185 21.96 -2.68 6.08
C ASN A 185 21.21 -3.42 7.20
N ALA A 186 20.36 -4.34 6.83
CA ALA A 186 19.67 -5.21 7.81
C ALA A 186 19.07 -4.41 8.94
N THR A 187 18.30 -3.39 8.57
CA THR A 187 17.59 -2.54 9.52
C THR A 187 16.11 -2.79 9.31
N SER A 188 15.34 -2.80 10.38
CA SER A 188 13.94 -3.26 10.30
C SER A 188 13.02 -2.45 11.20
N TYR A 189 11.75 -2.38 10.82
CA TYR A 189 10.73 -1.71 11.55
C TYR A 189 9.47 -2.54 11.52
N ILE A 190 8.69 -2.47 12.58
CA ILE A 190 7.43 -3.22 12.61
C ILE A 190 6.37 -2.44 13.38
N VAL A 191 5.11 -2.68 13.02
CA VAL A 191 3.99 -2.13 13.76
C VAL A 191 2.81 -3.07 13.64
N SER A 192 2.02 -3.16 14.68
CA SER A 192 0.86 -4.02 14.68
C SER A 192 -0.36 -3.31 15.25
N ALA A 193 -1.55 -3.73 14.82
CA ALA A 193 -2.78 -3.17 15.31
C ALA A 193 -3.87 -4.17 15.36
N ASN A 194 -4.79 -3.96 16.29
CA ASN A 194 -5.99 -4.75 16.38
C ASN A 194 -7.02 -4.13 15.46
N VAL A 195 -7.29 -4.77 14.32
CA VAL A 195 -8.15 -4.23 13.32
C VAL A 195 -9.25 -5.21 13.01
N ASP A 196 -10.48 -4.72 13.11
CA ASP A 196 -11.69 -5.52 12.78
C ASP A 196 -12.06 -5.32 11.32
N LEU A 197 -11.61 -6.21 10.46
CA LEU A 197 -11.88 -6.08 9.04
C LEU A 197 -13.35 -6.20 8.66
N LYS A 198 -14.12 -6.98 9.44
CA LYS A 198 -15.56 -7.09 9.23
C LYS A 198 -16.26 -5.73 9.36
N SER A 199 -15.81 -4.96 10.35
CA SER A 199 -16.41 -3.65 10.61
C SER A 199 -15.83 -2.58 9.70
N ALA A 200 -14.60 -2.71 9.23
CA ALA A 200 -13.98 -1.66 8.42
C ALA A 200 -14.25 -1.79 6.92
N LEU A 201 -14.41 -3.01 6.45
CA LEU A 201 -14.45 -3.29 5.01
C LEU A 201 -15.68 -4.08 4.64
N PRO A 202 -16.10 -4.04 3.35
CA PRO A 202 -17.15 -4.94 2.92
C PRO A 202 -16.61 -6.38 2.78
N GLU A 203 -17.48 -7.33 2.45
CA GLU A 203 -17.11 -8.76 2.43
C GLU A 203 -16.03 -9.10 1.43
N TRP A 204 -16.07 -8.40 0.32
CA TRP A 204 -15.17 -8.60 -0.78
C TRP A 204 -14.43 -7.32 -0.97
N VAL A 205 -13.14 -7.44 -1.27
CA VAL A 205 -12.29 -6.29 -1.51
C VAL A 205 -11.37 -6.60 -2.66
N ARG A 206 -10.66 -5.57 -3.09
CA ARG A 206 -9.50 -5.69 -3.95
C ARG A 206 -8.31 -5.17 -3.15
N VAL A 207 -7.14 -5.73 -3.41
CA VAL A 207 -5.92 -5.43 -2.69
C VAL A 207 -4.85 -4.97 -3.64
N GLY A 208 -3.99 -4.10 -3.13
CA GLY A 208 -2.96 -3.55 -3.95
C GLY A 208 -2.23 -2.40 -3.30
N PHE A 209 -1.75 -1.50 -4.16
CA PHE A 209 -0.84 -0.45 -3.76
C PHE A 209 -1.38 0.85 -4.27
N SER A 210 -0.99 1.91 -3.58
CA SER A 210 -1.33 3.29 -3.96
C SER A 210 -0.16 4.17 -3.58
N ALA A 211 0.12 5.20 -4.38
CA ALA A 211 1.25 6.08 -4.02
C ALA A 211 1.03 7.40 -4.65
N THR A 212 1.59 8.45 -4.02
CA THR A 212 1.55 9.76 -4.59
C THR A 212 2.85 10.46 -4.41
N SER A 213 3.22 11.30 -5.40
CA SER A 213 4.34 12.19 -5.24
C SER A 213 3.85 13.55 -4.70
N GLY A 214 4.75 14.31 -4.09
CA GLY A 214 4.40 15.63 -3.55
C GLY A 214 3.72 16.58 -4.51
N LEU A 215 3.07 17.58 -3.94
CA LEU A 215 2.37 18.58 -4.71
C LEU A 215 3.25 19.77 -5.09
N SER A 216 4.56 19.65 -4.88
CA SER A 216 5.53 20.68 -5.28
C SER A 216 6.72 20.02 -5.94
N ARG A 217 7.48 20.80 -6.67
CA ARG A 217 8.60 20.33 -7.44
C ARG A 217 9.75 19.87 -6.59
N ASP A 218 9.84 20.41 -5.38
CA ASP A 218 10.93 20.04 -4.53
C ASP A 218 10.52 18.98 -3.51
N HIS A 219 9.33 18.39 -3.70
CA HIS A 219 8.92 17.25 -2.86
C HIS A 219 8.52 16.03 -3.71
N VAL A 220 9.44 15.59 -4.53
CA VAL A 220 9.22 14.47 -5.42
C VAL A 220 10.07 13.24 -5.05
N GLU A 221 9.49 12.08 -5.35
CA GLU A 221 10.16 10.80 -5.19
C GLU A 221 9.41 9.80 -6.04
N THR A 222 10.09 8.69 -6.30
CA THR A 222 9.50 7.53 -6.94
C THR A 222 8.84 6.64 -5.92
N HIS A 223 8.02 5.74 -6.43
CA HIS A 223 7.37 4.73 -5.62
C HIS A 223 7.18 3.47 -6.45
N ASP A 224 8.25 2.69 -6.59
CA ASP A 224 8.22 1.48 -7.39
C ASP A 224 8.13 0.20 -6.55
N VAL A 225 7.26 -0.71 -6.98
CA VAL A 225 7.13 -2.01 -6.36
C VAL A 225 7.83 -3.00 -7.28
N LEU A 226 8.66 -3.89 -6.72
CA LEU A 226 9.50 -4.76 -7.52
C LEU A 226 8.96 -6.18 -7.65
N ASP A 227 8.17 -6.59 -6.68
CA ASP A 227 7.60 -7.93 -6.68
C ASP A 227 6.47 -7.97 -5.66
N TRP A 228 5.73 -9.06 -5.65
CA TRP A 228 4.56 -9.09 -4.79
C TRP A 228 4.01 -10.49 -4.71
N SER A 229 3.84 -10.99 -3.49
CA SER A 229 3.21 -12.29 -3.25
C SER A 229 2.06 -12.10 -2.26
N PHE A 230 0.97 -12.83 -2.46
CA PHE A 230 -0.19 -12.64 -1.59
C PHE A 230 -0.88 -13.95 -1.43
N THR A 231 -1.37 -14.19 -0.23
CA THR A 231 -2.19 -15.36 0.02
C THR A 231 -3.25 -15.04 1.04
N SER A 232 -4.47 -15.51 0.83
CA SER A 232 -5.57 -15.26 1.77
C SER A 232 -6.40 -16.53 1.82
N THR A 233 -6.77 -16.91 3.03
CA THR A 233 -7.65 -18.05 3.25
C THR A 233 -8.82 -17.61 4.11
N LEU A 234 -10.00 -18.00 3.68
CA LEU A 234 -11.19 -17.76 4.45
C LEU A 234 -11.72 -19.12 4.84
N GLN A 235 -11.79 -19.40 6.14
CA GLN A 235 -12.16 -20.74 6.65
C GLN A 235 -13.48 -21.23 6.08
N ALA A 236 -14.51 -20.38 6.14
CA ALA A 236 -15.84 -20.75 5.64
C ALA A 236 -16.20 -22.18 6.05
CA CA B . 1.80 12.15 5.05
MN MN C . 0.82 9.18 7.64
C1 CIT D . 9.74 16.95 4.21
O1 CIT D . 9.58 17.90 5.01
O2 CIT D . 9.62 17.09 2.97
C2 CIT D . 10.09 15.59 4.75
C3 CIT D . 9.38 15.38 6.09
O7 CIT D . 8.01 15.73 5.95
C4 CIT D . 9.50 13.93 6.54
C5 CIT D . 8.69 13.72 7.79
O3 CIT D . 9.14 14.16 8.87
O4 CIT D . 7.59 13.13 7.70
C6 CIT D . 10.02 16.27 7.13
O5 CIT D . 9.28 17.02 7.80
O6 CIT D . 11.26 16.21 7.28
S SO4 E . 8.60 21.10 4.18
O1 SO4 E . 9.53 22.14 4.64
O2 SO4 E . 7.77 20.63 5.34
O3 SO4 E . 7.69 21.55 3.14
O4 SO4 E . 9.44 20.02 3.62
S SO4 F . -0.54 19.70 5.29
O1 SO4 F . -1.76 20.53 5.02
O2 SO4 F . 0.28 20.39 6.32
O3 SO4 F . -0.96 18.38 5.77
O4 SO4 F . 0.25 19.58 4.04
S SO4 G . 7.31 20.11 -16.04
O1 SO4 G . 8.43 20.79 -15.34
O2 SO4 G . 6.06 20.94 -15.91
O3 SO4 G . 7.04 18.72 -15.55
O4 SO4 G . 7.74 19.99 -17.44
S SO4 H . 4.84 25.31 -11.80
O1 SO4 H . 4.82 26.78 -12.23
O2 SO4 H . 6.07 25.00 -10.95
O3 SO4 H . 3.63 24.95 -10.96
O4 SO4 H . 4.76 24.51 -13.07
S SO4 I . -15.59 7.16 -5.93
O1 SO4 I . -16.71 7.90 -5.30
O2 SO4 I . -14.68 6.65 -4.89
O3 SO4 I . -14.85 8.06 -6.85
O4 SO4 I . -16.14 6.02 -6.70
S SO4 J . 13.01 0.94 -14.67
O1 SO4 J . 12.06 2.01 -14.21
O2 SO4 J . 14.25 1.09 -13.81
O3 SO4 J . 12.41 -0.45 -14.50
O4 SO4 J . 13.33 1.11 -16.14
S SO4 K . 19.71 -2.28 -2.09
O1 SO4 K . 18.76 -1.17 -2.14
O2 SO4 K . 21.10 -1.79 -1.75
O3 SO4 K . 19.19 -3.20 -1.06
O4 SO4 K . 19.86 -2.96 -3.40
N SER L . 1.26 22.22 3.54
CA SER L . 2.49 22.01 2.79
C SER L . 3.25 23.27 2.70
O SER L . 4.28 23.32 1.98
CB SER L . 2.10 21.54 1.39
OG SER L . 1.48 20.26 1.47
OXT SER L . 2.86 24.27 3.34
O5 A2G M . 2.53 19.50 -0.47
C1 A2G M . 1.28 19.67 0.20
C2 A2G M . 0.59 18.32 0.36
N2 A2G M . -0.64 18.44 1.11
C3 A2G M . 1.50 17.33 1.11
O3 A2G M . 0.95 16.02 1.07
C4 A2G M . 2.88 17.31 0.49
O4 A2G M . 2.78 16.68 -0.81
C5 A2G M . 3.43 18.72 0.32
C6 A2G M . 4.79 18.69 -0.36
O6 A2G M . 5.11 20.00 -0.86
C7 A2G M . -1.69 17.65 0.89
O7 A2G M . -1.76 16.89 -0.05
C8 A2G M . -2.77 17.76 1.91
#